data_8QGJ
#
_entry.id   8QGJ
#
_cell.length_a   63.020
_cell.length_b   74.914
_cell.length_c   118.490
_cell.angle_alpha   90.000
_cell.angle_beta   90.000
_cell.angle_gamma   90.000
#
_symmetry.space_group_name_H-M   'I 2 2 2'
#
loop_
_entity.id
_entity.type
_entity.pdbx_description
1 polymer 'NAD kinase 1'
2 non-polymer 'CITRIC ACID'
3 non-polymer ~{N}-[[(2~{R},3~{S},4~{R},5~{R})-5-[8-[3-[[(2~{R},3~{S},4~{R},5~{R})-5-(6-aminopurin-9-yl)-3,4-bis(oxidanyl)oxolan-2-yl]methoxy]prop-1-ynyl]-6-azanyl-purin-9-yl]-3,4-bis(oxidanyl)oxolan-2-yl]methyl]-4-carbamimidamido-butanamide
4 water water
#
_entity_poly.entity_id   1
_entity_poly.type   'polypeptide(L)'
_entity_poly.pdbx_seq_one_letter_code
;MKYMITSKGDEKSDLLRLNMIAGFGEYDMEYDDVEPEIVISIGGDGTFLSAFHQYEERLDEIAFIGIHTGHLGFYADWRP
AEADKLVKLLAKGEYQKVSYPLLKTTVKYGIGKKEATYLALNESTVKSSGGPFVVDVVINDIHFERFRGDGLCMSTPSGT
TAYNKSLGGALMHPSIEAMQLTEMASINNRVYRTIGSPLVFPKHHVVSLQPVNDKDFQISVDHLSILHRDVQEIRYEVSA
KKIHFARFRSFPFWRRVHDSFIEDLEHHHHHH
;
_entity_poly.pdbx_strand_id   A
#
# COMPACT_ATOMS: atom_id res chain seq x y z
N MET A 1 -16.47 -20.08 -0.08
CA MET A 1 -15.23 -20.85 -0.07
C MET A 1 -14.45 -20.61 1.22
N LYS A 2 -13.14 -20.87 1.18
CA LYS A 2 -12.31 -20.64 2.35
C LYS A 2 -12.14 -19.14 2.59
N TYR A 3 -12.10 -18.76 3.87
CA TYR A 3 -12.07 -17.36 4.26
C TYR A 3 -11.43 -17.24 5.64
N MET A 4 -10.93 -16.05 5.94
CA MET A 4 -10.47 -15.72 7.27
C MET A 4 -10.77 -14.25 7.53
N ILE A 5 -10.67 -13.85 8.80
CA ILE A 5 -11.00 -12.49 9.22
C ILE A 5 -9.97 -12.05 10.24
N THR A 6 -9.30 -10.92 9.98
CA THR A 6 -8.41 -10.31 10.95
C THR A 6 -9.13 -9.19 11.70
N SER A 7 -8.66 -8.91 12.90
CA SER A 7 -9.29 -7.93 13.76
C SER A 7 -8.25 -6.96 14.31
N LYS A 8 -8.64 -5.69 14.43
CA LYS A 8 -7.78 -4.71 15.09
C LYS A 8 -7.47 -5.12 16.53
N GLY A 9 -8.31 -5.94 17.14
CA GLY A 9 -8.03 -6.44 18.46
C GLY A 9 -8.67 -5.66 19.59
N ASP A 10 -9.51 -4.67 19.28
CA ASP A 10 -10.27 -3.99 20.31
C ASP A 10 -11.58 -4.75 20.53
N GLU A 11 -12.38 -4.28 21.50
CA GLU A 11 -13.64 -4.95 21.79
C GLU A 11 -14.59 -4.90 20.60
N LYS A 12 -14.67 -3.75 19.93
CA LYS A 12 -15.62 -3.60 18.82
C LYS A 12 -15.32 -4.58 17.70
N SER A 13 -14.07 -4.63 17.25
CA SER A 13 -13.74 -5.45 16.09
C SER A 13 -13.79 -6.93 16.41
N ASP A 14 -13.26 -7.34 17.57
CA ASP A 14 -13.31 -8.75 17.93
C ASP A 14 -14.73 -9.27 17.93
N LEU A 15 -15.66 -8.49 18.48
CA LEU A 15 -17.04 -8.93 18.59
C LEU A 15 -17.70 -9.00 17.22
N LEU A 16 -17.42 -8.03 16.34
CA LEU A 16 -17.96 -8.08 14.99
C LEU A 16 -17.44 -9.31 14.26
N ARG A 17 -16.18 -9.65 14.47
CA ARG A 17 -15.59 -10.82 13.82
C ARG A 17 -16.28 -12.10 14.27
N LEU A 18 -16.48 -12.26 15.58
CA LEU A 18 -17.16 -13.46 16.08
C LEU A 18 -18.58 -13.56 15.55
N ASN A 19 -19.26 -12.42 15.39
CA ASN A 19 -20.61 -12.44 14.86
C ASN A 19 -20.63 -12.76 13.37
N MET A 20 -19.61 -12.34 12.62
CA MET A 20 -19.55 -12.69 11.20
C MET A 20 -19.20 -14.15 11.02
N ILE A 21 -18.27 -14.67 11.82
CA ILE A 21 -17.96 -16.10 11.79
C ILE A 21 -19.22 -16.93 12.02
N ALA A 22 -20.06 -16.49 12.97
CA ALA A 22 -21.31 -17.19 13.22
C ALA A 22 -22.23 -17.12 12.01
N GLY A 23 -22.27 -15.97 11.34
CA GLY A 23 -23.05 -15.87 10.12
C GLY A 23 -22.53 -16.77 9.01
N PHE A 24 -21.21 -16.86 8.88
CA PHE A 24 -20.63 -17.73 7.86
C PHE A 24 -20.86 -19.20 8.17
N GLY A 25 -20.99 -19.54 9.47
CA GLY A 25 -21.30 -20.92 9.82
C GLY A 25 -22.60 -21.41 9.23
N GLU A 26 -23.51 -20.50 8.89
CA GLU A 26 -24.81 -20.85 8.33
C GLU A 26 -24.77 -21.13 6.83
N TYR A 27 -23.61 -20.95 6.20
CA TYR A 27 -23.42 -21.20 4.76
C TYR A 27 -22.30 -22.21 4.55
N ASP A 28 -22.07 -22.55 3.28
CA ASP A 28 -20.96 -23.42 2.89
C ASP A 28 -19.66 -22.64 2.88
N MET A 29 -19.30 -22.12 4.05
CA MET A 29 -18.08 -21.34 4.24
C MET A 29 -17.22 -22.03 5.30
N GLU A 30 -15.97 -22.30 4.96
CA GLU A 30 -15.01 -22.92 5.87
C GLU A 30 -13.96 -21.89 6.25
N TYR A 31 -13.73 -21.72 7.54
CA TYR A 31 -12.71 -20.80 8.03
C TYR A 31 -11.33 -21.43 7.86
N ASP A 32 -10.48 -20.77 7.09
CA ASP A 32 -9.11 -21.25 6.88
C ASP A 32 -8.22 -20.02 6.72
N ASP A 33 -7.35 -19.79 7.70
CA ASP A 33 -6.42 -18.68 7.58
C ASP A 33 -5.08 -19.12 6.97
N VAL A 34 -5.00 -20.34 6.47
CA VAL A 34 -3.80 -20.82 5.80
C VAL A 34 -3.90 -20.52 4.31
N GLU A 35 -4.95 -21.03 3.67
CA GLU A 35 -5.21 -20.78 2.26
C GLU A 35 -6.62 -20.22 2.05
N PRO A 36 -6.93 -19.05 2.62
CA PRO A 36 -8.23 -18.45 2.36
C PRO A 36 -8.33 -17.95 0.94
N GLU A 37 -9.58 -17.81 0.46
CA GLU A 37 -9.86 -17.13 -0.78
C GLU A 37 -10.49 -15.77 -0.59
N ILE A 38 -10.99 -15.49 0.62
CA ILE A 38 -11.52 -14.19 0.97
C ILE A 38 -10.89 -13.77 2.30
N VAL A 39 -10.29 -12.59 2.31
CA VAL A 39 -9.71 -12.04 3.54
C VAL A 39 -10.50 -10.80 3.90
N ILE A 40 -11.11 -10.83 5.08
CA ILE A 40 -11.86 -9.70 5.60
C ILE A 40 -11.04 -9.07 6.71
N SER A 41 -11.01 -7.75 6.72
CA SER A 41 -10.23 -6.99 7.70
C SER A 41 -11.17 -6.05 8.43
N ILE A 42 -11.17 -6.13 9.76
CA ILE A 42 -12.05 -5.33 10.61
C ILE A 42 -11.18 -4.44 11.47
N GLY A 43 -11.23 -3.13 11.22
CA GLY A 43 -10.41 -2.18 11.95
C GLY A 43 -10.18 -0.91 11.16
N GLY A 44 -8.91 -0.59 10.91
CA GLY A 44 -8.57 0.59 10.13
C GLY A 44 -7.77 0.24 8.89
N ASP A 45 -7.15 1.25 8.27
CA ASP A 45 -6.31 0.97 7.11
C ASP A 45 -5.04 0.24 7.50
N GLY A 46 -4.47 0.55 8.67
CA GLY A 46 -3.35 -0.23 9.16
C GLY A 46 -3.70 -1.71 9.30
N THR A 47 -4.85 -1.99 9.92
CA THR A 47 -5.32 -3.37 10.01
C THR A 47 -5.45 -3.99 8.63
N PHE A 48 -5.96 -3.24 7.66
CA PHE A 48 -6.03 -3.75 6.30
C PHE A 48 -4.64 -3.97 5.71
N LEU A 49 -3.75 -3.00 5.88
CA LEU A 49 -2.39 -3.15 5.39
C LEU A 49 -1.71 -4.37 6.02
N SER A 50 -1.91 -4.58 7.33
CA SER A 50 -1.37 -5.78 7.97
C SER A 50 -1.92 -7.04 7.32
N ALA A 51 -3.19 -7.01 6.92
CA ALA A 51 -3.80 -8.19 6.32
C ALA A 51 -3.25 -8.47 4.94
N PHE A 52 -3.03 -7.41 4.15
CA PHE A 52 -2.44 -7.56 2.83
C PHE A 52 -1.07 -8.20 2.91
N HIS A 53 -0.24 -7.76 3.86
CA HIS A 53 1.10 -8.31 3.98
C HIS A 53 1.11 -9.71 4.57
N GLN A 54 0.05 -10.08 5.29
CA GLN A 54 -0.02 -11.43 5.82
C GLN A 54 -0.21 -12.45 4.70
N TYR A 55 -0.79 -12.03 3.58
CA TYR A 55 -1.09 -12.94 2.47
C TYR A 55 -0.54 -12.43 1.15
N GLU A 56 0.53 -11.64 1.19
CA GLU A 56 1.14 -11.15 -0.05
C GLU A 56 1.71 -12.27 -0.90
N GLU A 57 1.83 -13.48 -0.35
CA GLU A 57 2.28 -14.64 -1.10
C GLU A 57 1.17 -15.33 -1.87
N ARG A 58 -0.07 -14.86 -1.75
CA ARG A 58 -1.22 -15.49 -2.40
C ARG A 58 -2.18 -14.44 -2.92
N LEU A 59 -1.65 -13.32 -3.42
CA LEU A 59 -2.50 -12.22 -3.83
C LEU A 59 -3.42 -12.61 -4.97
N ASP A 60 -2.93 -13.45 -5.88
CA ASP A 60 -3.75 -13.86 -7.02
C ASP A 60 -4.88 -14.80 -6.64
N GLU A 61 -4.86 -15.35 -5.42
CA GLU A 61 -5.86 -16.30 -4.98
C GLU A 61 -6.80 -15.74 -3.92
N ILE A 62 -6.77 -14.45 -3.67
CA ILE A 62 -7.49 -13.84 -2.56
C ILE A 62 -8.17 -12.55 -3.02
N ALA A 63 -9.41 -12.36 -2.60
CA ALA A 63 -10.11 -11.09 -2.74
C ALA A 63 -10.28 -10.48 -1.36
N PHE A 64 -9.86 -9.23 -1.21
CA PHE A 64 -9.86 -8.57 0.09
C PHE A 64 -11.14 -7.74 0.29
N ILE A 65 -11.54 -7.62 1.54
CA ILE A 65 -12.62 -6.73 1.96
C ILE A 65 -12.21 -6.08 3.27
N GLY A 66 -12.49 -4.79 3.42
CA GLY A 66 -12.21 -4.12 4.67
C GLY A 66 -13.43 -3.49 5.30
N ILE A 67 -13.63 -3.73 6.59
CA ILE A 67 -14.69 -3.11 7.37
C ILE A 67 -14.04 -2.13 8.32
N HIS A 68 -14.56 -0.90 8.38
CA HIS A 68 -14.00 0.13 9.25
C HIS A 68 -14.87 0.25 10.49
N THR A 69 -14.32 -0.14 11.64
CA THR A 69 -15.01 0.06 12.91
C THR A 69 -14.78 1.43 13.50
N GLY A 70 -13.77 2.16 13.01
CA GLY A 70 -13.59 3.55 13.35
C GLY A 70 -14.07 4.45 12.23
N HIS A 71 -13.25 5.44 11.87
CA HIS A 71 -13.61 6.32 10.76
C HIS A 71 -13.53 5.55 9.44
N LEU A 72 -14.04 6.18 8.38
CA LEU A 72 -13.92 5.61 7.05
C LEU A 72 -12.45 5.51 6.64
N GLY A 73 -12.03 4.32 6.23
CA GLY A 73 -10.71 4.13 5.67
C GLY A 73 -10.79 3.98 4.16
N PHE A 74 -9.68 4.20 3.47
CA PHE A 74 -9.71 4.06 2.02
C PHE A 74 -9.84 2.61 1.59
N TYR A 75 -9.16 1.70 2.28
CA TYR A 75 -9.22 0.29 1.94
C TYR A 75 -10.36 -0.41 2.66
N ALA A 76 -10.62 -0.01 3.91
CA ALA A 76 -11.75 -0.53 4.68
C ALA A 76 -12.91 0.43 4.50
N ASP A 77 -13.67 0.23 3.44
CA ASP A 77 -14.69 1.19 3.03
C ASP A 77 -16.12 0.64 3.15
N TRP A 78 -16.35 -0.30 4.07
CA TRP A 78 -17.68 -0.82 4.34
C TRP A 78 -17.91 -0.77 5.86
N ARG A 79 -19.16 -0.45 6.26
CA ARG A 79 -19.48 -0.08 7.62
C ARG A 79 -19.86 -1.31 8.46
N PRO A 80 -19.68 -1.23 9.79
CA PRO A 80 -19.97 -2.40 10.63
C PRO A 80 -21.44 -2.82 10.61
N ALA A 81 -22.36 -1.87 10.52
CA ALA A 81 -23.77 -2.21 10.51
C ALA A 81 -24.18 -2.92 9.23
N GLU A 82 -23.36 -2.87 8.19
CA GLU A 82 -23.62 -3.57 6.95
C GLU A 82 -22.95 -4.94 6.91
N ALA A 83 -22.46 -5.43 8.05
CA ALA A 83 -21.70 -6.68 8.06
C ALA A 83 -22.56 -7.88 7.67
N ASP A 84 -23.85 -7.84 8.01
CA ASP A 84 -24.72 -8.97 7.70
C ASP A 84 -24.94 -9.10 6.19
N LYS A 85 -25.32 -7.99 5.54
CA LYS A 85 -25.50 -8.03 4.09
C LYS A 85 -24.20 -8.40 3.40
N LEU A 86 -23.06 -8.07 4.02
CA LEU A 86 -21.77 -8.50 3.49
C LEU A 86 -21.64 -10.02 3.55
N VAL A 87 -21.95 -10.60 4.72
CA VAL A 87 -21.86 -12.05 4.89
C VAL A 87 -22.71 -12.78 3.86
N LYS A 88 -23.95 -12.30 3.65
CA LYS A 88 -24.85 -12.91 2.69
C LYS A 88 -24.24 -12.96 1.31
N LEU A 89 -23.97 -11.79 0.73
CA LEU A 89 -23.51 -11.72 -0.65
C LEU A 89 -22.18 -12.45 -0.83
N LEU A 90 -21.30 -12.37 0.16
CA LEU A 90 -20.03 -13.08 0.08
C LEU A 90 -20.25 -14.59 0.04
N ALA A 91 -21.28 -15.08 0.72
CA ALA A 91 -21.55 -16.51 0.75
C ALA A 91 -22.11 -16.98 -0.60
N LYS A 92 -23.05 -16.21 -1.17
CA LYS A 92 -23.54 -16.53 -2.50
C LYS A 92 -22.41 -16.47 -3.53
N GLY A 93 -21.50 -15.51 -3.38
CA GLY A 93 -20.45 -15.30 -4.36
C GLY A 93 -20.93 -14.46 -5.51
N GLU A 94 -20.47 -14.80 -6.72
CA GLU A 94 -20.85 -14.10 -7.95
C GLU A 94 -20.56 -12.60 -7.87
N TYR A 95 -19.55 -12.23 -7.08
CA TYR A 95 -19.14 -10.84 -6.96
C TYR A 95 -18.17 -10.47 -8.08
N GLN A 96 -17.89 -9.17 -8.18
CA GLN A 96 -16.88 -8.68 -9.10
C GLN A 96 -15.58 -8.43 -8.35
N LYS A 97 -14.47 -8.48 -9.09
CA LYS A 97 -13.15 -8.29 -8.53
C LYS A 97 -12.52 -7.04 -9.13
N VAL A 98 -11.83 -6.27 -8.28
CA VAL A 98 -11.28 -4.98 -8.64
C VAL A 98 -9.80 -4.98 -8.27
N SER A 99 -8.94 -4.78 -9.25
CA SER A 99 -7.50 -4.86 -9.06
C SER A 99 -6.88 -3.46 -9.00
N TYR A 100 -5.97 -3.28 -8.04
CA TYR A 100 -5.15 -2.08 -7.86
C TYR A 100 -3.68 -2.41 -8.09
N PRO A 101 -2.92 -1.53 -8.73
CA PRO A 101 -1.49 -1.80 -8.93
C PRO A 101 -0.74 -1.79 -7.62
N LEU A 102 0.35 -2.55 -7.59
CA LEU A 102 1.23 -2.61 -6.43
C LEU A 102 2.61 -2.11 -6.84
N LEU A 103 3.47 -1.90 -5.83
CA LEU A 103 4.80 -1.35 -6.04
C LEU A 103 5.85 -2.35 -5.56
N LYS A 104 6.83 -2.62 -6.41
CA LYS A 104 7.94 -3.52 -6.06
C LYS A 104 9.18 -2.71 -5.74
N THR A 105 9.80 -3.03 -4.60
CA THR A 105 11.07 -2.43 -4.19
C THR A 105 12.11 -3.54 -4.09
N THR A 106 13.27 -3.31 -4.68
CA THR A 106 14.37 -4.26 -4.64
C THR A 106 15.60 -3.59 -4.02
N VAL A 107 16.17 -4.23 -3.01
CA VAL A 107 17.34 -3.72 -2.30
C VAL A 107 18.49 -4.68 -2.53
N LYS A 108 19.57 -4.18 -3.14
CA LYS A 108 20.77 -4.96 -3.35
C LYS A 108 21.81 -4.61 -2.29
N TYR A 109 22.65 -5.58 -1.97
CA TYR A 109 23.70 -5.39 -0.95
C TYR A 109 25.06 -5.74 -1.54
N GLY A 110 26.00 -6.07 -0.67
CA GLY A 110 27.32 -6.50 -1.05
C GLY A 110 27.98 -7.37 0.01
N LYS A 114 23.74 -9.74 -2.40
CA LYS A 114 22.46 -10.28 -1.97
C LYS A 114 21.34 -9.32 -2.40
N GLU A 115 20.08 -9.78 -2.33
CA GLU A 115 18.96 -8.97 -2.80
C GLU A 115 17.72 -9.30 -2.01
N ALA A 116 16.95 -8.27 -1.67
CA ALA A 116 15.66 -8.43 -0.99
C ALA A 116 14.62 -7.57 -1.69
N THR A 117 13.44 -8.14 -1.90
CA THR A 117 12.34 -7.45 -2.55
C THR A 117 11.14 -7.36 -1.62
N TYR A 118 10.32 -6.33 -1.83
CA TYR A 118 9.15 -6.05 -1.02
C TYR A 118 8.02 -5.53 -1.91
N LEU A 119 6.78 -5.83 -1.52
CA LEU A 119 5.60 -5.37 -2.22
C LEU A 119 4.88 -4.35 -1.35
N ALA A 120 4.51 -3.23 -1.94
CA ALA A 120 3.87 -2.15 -1.20
C ALA A 120 2.47 -1.90 -1.73
N LEU A 121 1.53 -1.69 -0.82
CA LEU A 121 0.18 -1.27 -1.16
C LEU A 121 0.01 0.24 -1.08
N ASN A 122 0.67 0.88 -0.10
CA ASN A 122 0.66 2.32 -0.01
C ASN A 122 1.91 2.89 -0.67
N GLU A 123 3.07 2.76 -0.02
CA GLU A 123 4.27 3.40 -0.52
C GLU A 123 5.50 2.74 0.08
N SER A 124 6.64 3.07 -0.50
CA SER A 124 7.96 2.72 0.04
C SER A 124 8.74 4.02 0.19
N THR A 125 9.33 4.24 1.36
CA THR A 125 10.11 5.45 1.61
C THR A 125 11.54 5.10 1.99
N VAL A 126 12.43 6.07 1.82
CA VAL A 126 13.85 5.95 2.14
C VAL A 126 14.26 7.16 2.96
N LYS A 127 14.95 6.91 4.07
CA LYS A 127 15.57 7.95 4.87
C LYS A 127 16.95 7.49 5.30
N SER A 128 17.75 8.40 5.83
CA SER A 128 19.09 8.02 6.26
C SER A 128 19.06 7.42 7.66
N SER A 129 20.11 6.64 7.96
CA SER A 129 20.23 6.01 9.27
C SER A 129 20.39 7.04 10.38
N GLY A 130 20.93 8.22 10.07
CA GLY A 130 21.15 9.25 11.06
C GLY A 130 21.86 10.46 10.48
N GLY A 131 22.83 10.21 9.61
CA GLY A 131 23.54 11.26 8.92
C GLY A 131 22.69 11.89 7.84
N PRO A 132 23.29 12.81 7.07
CA PRO A 132 22.56 13.41 5.96
C PRO A 132 22.18 12.36 4.92
N PHE A 133 21.10 12.64 4.20
CA PHE A 133 20.56 11.73 3.19
C PHE A 133 20.90 12.28 1.81
N VAL A 134 21.89 11.68 1.16
CA VAL A 134 22.26 12.01 -0.21
C VAL A 134 22.18 10.74 -1.04
N VAL A 135 21.50 10.82 -2.17
CA VAL A 135 21.32 9.66 -3.03
C VAL A 135 21.22 10.15 -4.47
N ASP A 136 21.78 9.39 -5.40
CA ASP A 136 21.64 9.69 -6.82
C ASP A 136 20.40 8.99 -7.36
N VAL A 137 19.56 9.74 -8.07
CA VAL A 137 18.32 9.22 -8.64
C VAL A 137 18.53 8.96 -10.12
N VAL A 138 18.40 7.70 -10.52
CA VAL A 138 18.64 7.26 -11.88
C VAL A 138 17.35 6.69 -12.44
N ILE A 139 16.94 7.18 -13.60
CA ILE A 139 15.68 6.78 -14.24
C ILE A 139 16.03 6.06 -15.54
N ASN A 140 15.74 4.76 -15.59
CA ASN A 140 16.02 3.94 -16.76
C ASN A 140 17.47 4.12 -17.21
N ASP A 141 18.37 4.06 -16.23
CA ASP A 141 19.82 4.16 -16.39
C ASP A 141 20.28 5.56 -16.76
N ILE A 142 19.40 6.55 -16.76
CA ILE A 142 19.76 7.95 -16.98
C ILE A 142 19.83 8.63 -15.61
N HIS A 143 20.96 9.27 -15.31
CA HIS A 143 21.09 9.97 -14.04
C HIS A 143 20.29 11.26 -14.10
N PHE A 144 19.28 11.36 -13.23
CA PHE A 144 18.33 12.47 -13.24
C PHE A 144 18.71 13.59 -12.28
N GLU A 145 19.13 13.26 -11.07
CA GLU A 145 19.43 14.28 -10.08
C GLU A 145 20.19 13.62 -8.95
N ARG A 146 20.77 14.45 -8.08
CA ARG A 146 21.36 14.02 -6.82
C ARG A 146 20.52 14.62 -5.70
N PHE A 147 19.72 13.78 -5.03
CA PHE A 147 18.79 14.28 -4.02
C PHE A 147 19.48 14.47 -2.68
N ARG A 148 19.41 15.69 -2.15
CA ARG A 148 19.83 15.99 -0.78
C ARG A 148 18.61 16.49 -0.03
N GLY A 149 18.28 15.84 1.07
CA GLY A 149 17.07 16.19 1.82
C GLY A 149 16.82 15.21 2.93
N ASP A 150 15.55 15.11 3.33
CA ASP A 150 15.18 14.19 4.40
C ASP A 150 14.88 12.79 3.88
N GLY A 151 14.27 12.67 2.72
CA GLY A 151 14.00 11.36 2.18
C GLY A 151 13.10 11.43 0.96
N LEU A 152 12.72 10.25 0.49
CA LEU A 152 11.92 10.11 -0.73
C LEU A 152 10.80 9.10 -0.50
N CYS A 153 9.72 9.25 -1.25
CA CYS A 153 8.53 8.43 -1.10
C CYS A 153 8.06 7.99 -2.49
N MET A 154 7.99 6.67 -2.70
CA MET A 154 7.48 6.10 -3.94
C MET A 154 6.15 5.43 -3.65
N SER A 155 5.09 5.92 -4.28
CA SER A 155 3.72 5.60 -3.89
C SER A 155 2.98 4.86 -5.00
N THR A 156 2.13 3.90 -4.60
CA THR A 156 1.17 3.28 -5.49
C THR A 156 0.09 4.29 -5.82
N PRO A 157 -0.75 4.02 -6.84
CA PRO A 157 -1.92 4.88 -7.07
C PRO A 157 -2.81 5.00 -5.84
N SER A 158 -3.23 3.86 -5.27
CA SER A 158 -4.09 3.94 -4.10
CA SER A 158 -4.07 3.86 -4.07
C SER A 158 -3.38 4.57 -2.92
N GLY A 159 -2.05 4.55 -2.89
CA GLY A 159 -1.30 5.20 -1.82
C GLY A 159 -1.20 6.69 -1.95
N THR A 160 -1.60 7.27 -3.09
CA THR A 160 -1.44 8.70 -3.29
C THR A 160 -2.23 9.52 -2.29
N THR A 161 -3.32 8.96 -1.76
CA THR A 161 -4.10 9.64 -0.74
C THR A 161 -3.49 9.50 0.65
N ALA A 162 -2.37 8.80 0.79
CA ALA A 162 -1.79 8.49 2.07
C ALA A 162 -0.57 9.40 2.30
N TYR A 163 0.62 8.88 2.61
CA TYR A 163 1.81 9.69 2.82
C TYR A 163 2.07 10.60 1.62
N ASN A 164 1.88 10.07 0.40
CA ASN A 164 2.09 10.84 -0.82
C ASN A 164 1.32 12.16 -0.79
N LYS A 165 0.12 12.15 -0.22
CA LYS A 165 -0.70 13.35 -0.20
C LYS A 165 -0.09 14.44 0.67
N SER A 166 0.48 14.05 1.82
CA SER A 166 1.07 15.04 2.71
C SER A 166 2.36 15.65 2.17
N LEU A 167 2.96 15.02 1.16
CA LEU A 167 4.20 15.52 0.57
C LEU A 167 3.95 16.32 -0.70
N GLY A 168 2.70 16.72 -0.94
CA GLY A 168 2.37 17.51 -2.12
C GLY A 168 2.12 16.71 -3.38
N GLY A 169 2.13 15.38 -3.32
CA GLY A 169 1.91 14.59 -4.51
C GLY A 169 0.50 14.69 -5.04
N ALA A 170 0.32 14.29 -6.29
CA ALA A 170 -0.99 14.25 -6.89
C ALA A 170 -1.73 12.99 -6.48
N LEU A 171 -3.05 13.07 -6.44
CA LEU A 171 -3.88 11.89 -6.22
C LEU A 171 -4.28 11.33 -7.58
N MET A 172 -3.92 10.09 -7.86
CA MET A 172 -4.25 9.48 -9.13
C MET A 172 -5.15 8.26 -8.92
N HIS A 173 -5.97 7.99 -9.93
CA HIS A 173 -6.96 6.92 -9.91
C HIS A 173 -6.29 5.57 -10.10
N PRO A 174 -6.71 4.55 -9.35
CA PRO A 174 -5.96 3.28 -9.31
C PRO A 174 -6.04 2.48 -10.60
N SER A 175 -6.87 2.86 -11.58
CA SER A 175 -6.81 2.18 -12.85
C SER A 175 -5.57 2.56 -13.66
N ILE A 176 -4.82 3.56 -13.19
CA ILE A 176 -3.57 3.95 -13.83
C ILE A 176 -2.44 3.10 -13.25
N GLU A 177 -1.82 2.29 -14.09
CA GLU A 177 -0.71 1.45 -13.66
C GLU A 177 0.55 2.31 -13.65
N ALA A 178 0.87 2.86 -12.49
CA ALA A 178 1.91 3.87 -12.38
C ALA A 178 2.39 3.93 -10.93
N MET A 179 3.42 4.75 -10.70
CA MET A 179 3.98 4.98 -9.38
C MET A 179 4.47 6.42 -9.34
N GLN A 180 4.47 7.01 -8.14
CA GLN A 180 4.72 8.44 -8.00
C GLN A 180 5.77 8.69 -6.93
N LEU A 181 6.80 9.43 -7.30
CA LEU A 181 7.90 9.77 -6.40
C LEU A 181 7.74 11.21 -5.93
N THR A 182 7.83 11.41 -4.62
CA THR A 182 7.75 12.73 -4.01
C THR A 182 8.92 12.94 -3.08
N GLU A 183 9.27 14.21 -2.87
CA GLU A 183 10.41 14.62 -2.06
C GLU A 183 10.00 14.92 -0.63
N MET A 184 10.96 14.78 0.28
CA MET A 184 10.82 15.26 1.66
C MET A 184 11.90 16.31 1.89
N ALA A 185 11.50 17.56 2.06
CA ALA A 185 12.37 18.67 2.44
C ALA A 185 13.72 18.62 1.73
N SER A 186 13.67 18.75 0.40
CA SER A 186 14.90 18.83 -0.37
C SER A 186 15.58 20.18 -0.15
N ILE A 187 16.90 20.17 -0.10
CA ILE A 187 17.65 21.42 -0.01
C ILE A 187 17.99 21.85 -1.44
N ASN A 188 17.56 23.06 -1.80
CA ASN A 188 17.76 23.61 -3.13
C ASN A 188 18.43 24.97 -3.01
N ASN A 189 19.62 25.09 -3.60
CA ASN A 189 20.30 26.37 -3.64
C ASN A 189 21.14 26.40 -4.92
N ARG A 190 22.16 27.28 -4.93
CA ARG A 190 22.99 27.46 -6.12
C ARG A 190 23.74 26.18 -6.49
N VAL A 191 24.10 25.37 -5.49
CA VAL A 191 24.91 24.18 -5.71
C VAL A 191 24.03 22.93 -5.78
N TYR A 192 22.94 22.91 -5.01
CA TYR A 192 22.11 21.72 -4.86
C TYR A 192 20.78 21.93 -5.58
N ARG A 193 20.43 20.99 -6.46
CA ARG A 193 19.31 21.17 -7.37
C ARG A 193 18.55 19.86 -7.52
N THR A 194 17.30 19.84 -7.10
CA THR A 194 16.39 18.74 -7.38
C THR A 194 15.21 19.27 -8.17
N ILE A 195 14.39 18.34 -8.69
CA ILE A 195 13.24 18.74 -9.51
C ILE A 195 12.14 19.37 -8.66
N GLY A 196 11.98 18.93 -7.41
CA GLY A 196 10.90 19.47 -6.59
C GLY A 196 9.53 18.91 -6.92
N SER A 197 9.13 18.99 -8.18
CA SER A 197 7.84 18.45 -8.58
C SER A 197 7.79 16.94 -8.34
N PRO A 198 6.62 16.41 -7.99
CA PRO A 198 6.46 14.95 -7.98
C PRO A 198 6.61 14.39 -9.39
N LEU A 199 7.03 13.13 -9.46
CA LEU A 199 7.21 12.44 -10.72
C LEU A 199 6.33 11.20 -10.72
N VAL A 200 5.59 11.01 -11.81
CA VAL A 200 4.71 9.86 -12.00
C VAL A 200 5.30 9.01 -13.12
N PHE A 201 5.60 7.75 -12.79
CA PHE A 201 6.28 6.84 -13.70
C PHE A 201 5.34 5.74 -14.18
N PRO A 202 5.41 5.38 -15.46
CA PRO A 202 4.54 4.33 -15.98
C PRO A 202 5.09 2.95 -15.64
N LYS A 203 4.30 1.93 -15.98
CA LYS A 203 4.77 0.56 -15.91
C LYS A 203 6.05 0.41 -16.72
N HIS A 204 6.86 -0.58 -16.36
CA HIS A 204 8.10 -0.97 -17.03
C HIS A 204 9.22 0.06 -16.89
N HIS A 205 8.99 1.19 -16.22
CA HIS A 205 10.05 2.12 -15.91
C HIS A 205 10.72 1.74 -14.59
N VAL A 206 12.04 1.84 -14.54
CA VAL A 206 12.82 1.50 -13.34
C VAL A 206 13.43 2.78 -12.80
N VAL A 207 13.14 3.08 -11.54
CA VAL A 207 13.75 4.18 -10.82
C VAL A 207 14.69 3.59 -9.79
N SER A 208 15.95 4.00 -9.83
CA SER A 208 17.00 3.40 -9.02
C SER A 208 17.66 4.47 -8.16
N LEU A 209 17.71 4.22 -6.86
CA LEU A 209 18.42 5.10 -5.93
C LEU A 209 19.79 4.51 -5.64
N GLN A 210 20.83 5.35 -5.68
CA GLN A 210 22.19 4.87 -5.53
C GLN A 210 22.93 5.75 -4.53
N PRO A 211 23.57 5.16 -3.51
CA PRO A 211 24.17 5.96 -2.45
C PRO A 211 25.35 6.77 -2.95
N VAL A 212 25.63 7.86 -2.23
CA VAL A 212 26.72 8.76 -2.54
C VAL A 212 27.86 8.64 -1.52
N ASN A 213 27.52 8.63 -0.23
CA ASN A 213 28.50 8.40 0.83
C ASN A 213 28.03 7.27 1.74
N ASP A 214 27.31 7.62 2.79
CA ASP A 214 26.77 6.63 3.71
C ASP A 214 25.80 5.70 2.98
N LYS A 215 25.92 4.40 3.25
CA LYS A 215 25.12 3.38 2.59
C LYS A 215 24.08 2.76 3.51
N ASP A 216 23.83 3.35 4.68
CA ASP A 216 22.78 2.89 5.58
C ASP A 216 21.53 3.73 5.36
N PHE A 217 20.39 3.06 5.23
CA PHE A 217 19.13 3.73 4.92
C PHE A 217 17.98 3.08 5.67
N GLN A 218 17.13 3.92 6.25
CA GLN A 218 15.88 3.46 6.86
C GLN A 218 14.84 3.34 5.76
N ILE A 219 14.52 2.11 5.37
CA ILE A 219 13.56 1.85 4.29
C ILE A 219 12.27 1.35 4.91
N SER A 220 11.16 1.99 4.57
CA SER A 220 9.85 1.59 5.07
C SER A 220 8.98 1.12 3.91
N VAL A 221 8.23 0.05 4.15
CA VAL A 221 7.24 -0.45 3.20
C VAL A 221 5.92 -0.51 3.96
N ASP A 222 5.07 0.49 3.74
CA ASP A 222 3.79 0.65 4.46
C ASP A 222 4.14 0.89 5.94
N HIS A 223 3.60 0.13 6.87
CA HIS A 223 3.89 0.35 8.28
C HIS A 223 5.24 -0.19 8.71
N LEU A 224 5.88 -1.01 7.89
CA LEU A 224 7.08 -1.75 8.27
C LEU A 224 8.31 -0.97 7.85
N SER A 225 9.20 -0.70 8.80
CA SER A 225 10.43 0.05 8.58
C SER A 225 11.62 -0.77 9.04
N ILE A 226 12.65 -0.84 8.20
CA ILE A 226 13.82 -1.67 8.47
C ILE A 226 15.09 -0.89 8.12
N LEU A 227 16.08 -0.94 9.00
CA LEU A 227 17.39 -0.38 8.71
C LEU A 227 18.16 -1.34 7.81
N HIS A 228 18.56 -0.85 6.64
CA HIS A 228 19.32 -1.65 5.68
C HIS A 228 20.74 -1.11 5.60
N ARG A 229 21.71 -1.99 5.85
CA ARG A 229 23.11 -1.62 5.85
C ARG A 229 23.80 -2.07 4.57
N ASP A 230 24.90 -1.40 4.25
CA ASP A 230 25.66 -1.60 3.02
C ASP A 230 24.74 -1.77 1.81
N VAL A 231 23.91 -0.75 1.61
CA VAL A 231 23.00 -0.71 0.47
C VAL A 231 23.77 -0.30 -0.77
N GLN A 232 23.63 -1.09 -1.83
CA GLN A 232 24.21 -0.74 -3.12
C GLN A 232 23.21 -0.08 -4.06
N GLU A 233 21.93 -0.38 -3.89
CA GLU A 233 20.91 0.09 -4.82
C GLU A 233 19.54 -0.21 -4.26
N ILE A 234 18.63 0.76 -4.39
CA ILE A 234 17.20 0.57 -4.19
C ILE A 234 16.52 0.79 -5.54
N ARG A 235 15.74 -0.20 -5.99
CA ARG A 235 15.07 -0.13 -7.28
C ARG A 235 13.56 -0.12 -7.09
N TYR A 236 12.90 0.81 -7.78
CA TYR A 236 11.45 0.95 -7.75
C TYR A 236 10.88 0.66 -9.13
N GLU A 237 9.82 -0.15 -9.17
CA GLU A 237 9.09 -0.37 -10.41
C GLU A 237 7.69 -0.87 -10.05
N VAL A 238 6.75 -0.64 -10.97
CA VAL A 238 5.39 -1.11 -10.76
C VAL A 238 5.38 -2.63 -10.83
N SER A 239 4.80 -3.26 -9.81
CA SER A 239 4.80 -4.72 -9.70
C SER A 239 3.98 -5.36 -10.82
N ALA A 240 4.36 -6.58 -11.17
CA ALA A 240 3.52 -7.39 -12.04
C ALA A 240 2.30 -7.93 -11.31
N LYS A 241 2.39 -8.06 -9.99
CA LYS A 241 1.30 -8.54 -9.17
C LYS A 241 0.32 -7.42 -8.84
N LYS A 242 -0.92 -7.80 -8.51
CA LYS A 242 -1.96 -6.84 -8.16
C LYS A 242 -2.78 -7.38 -7.00
N ILE A 243 -3.28 -6.46 -6.17
CA ILE A 243 -4.22 -6.81 -5.12
C ILE A 243 -5.62 -6.78 -5.72
N HIS A 244 -6.46 -7.73 -5.30
CA HIS A 244 -7.82 -7.85 -5.81
C HIS A 244 -8.79 -7.56 -4.68
N PHE A 245 -9.77 -6.71 -4.95
CA PHE A 245 -10.82 -6.38 -3.99
C PHE A 245 -12.13 -7.03 -4.42
N ALA A 246 -12.84 -7.64 -3.48
CA ALA A 246 -14.20 -8.08 -3.73
C ALA A 246 -15.12 -6.86 -3.59
N ARG A 247 -15.73 -6.44 -4.69
CA ARG A 247 -16.67 -5.34 -4.67
C ARG A 247 -18.10 -5.88 -4.74
N PHE A 248 -19.00 -5.26 -4.00
CA PHE A 248 -20.40 -5.64 -4.01
C PHE A 248 -21.33 -4.49 -4.38
N ARG A 249 -20.79 -3.30 -4.64
CA ARG A 249 -21.55 -2.15 -5.07
C ARG A 249 -20.57 -1.07 -5.50
N SER A 250 -21.11 -0.03 -6.12
CA SER A 250 -20.28 1.06 -6.62
C SER A 250 -19.86 1.97 -5.46
N PHE A 251 -18.56 2.10 -5.25
CA PHE A 251 -18.00 3.09 -4.34
C PHE A 251 -16.83 3.72 -5.07
N PRO A 252 -17.10 4.66 -5.98
CA PRO A 252 -16.05 5.16 -6.88
C PRO A 252 -14.91 5.81 -6.12
N PHE A 253 -13.72 5.69 -6.69
CA PHE A 253 -12.51 6.21 -6.04
C PHE A 253 -12.68 7.68 -5.66
N TRP A 254 -13.16 8.49 -6.61
CA TRP A 254 -13.30 9.92 -6.32
C TRP A 254 -14.37 10.19 -5.28
N ARG A 255 -15.37 9.30 -5.17
CA ARG A 255 -16.34 9.43 -4.10
C ARG A 255 -15.70 9.14 -2.74
N ARG A 256 -14.93 8.05 -2.66
CA ARG A 256 -14.16 7.77 -1.47
C ARG A 256 -13.24 8.94 -1.11
N VAL A 257 -12.62 9.58 -2.12
CA VAL A 257 -11.74 10.72 -1.87
C VAL A 257 -12.55 11.91 -1.34
N HIS A 258 -13.72 12.16 -1.93
CA HIS A 258 -14.58 13.25 -1.46
C HIS A 258 -14.97 13.05 0.00
N ASP A 259 -15.36 11.83 0.37
CA ASP A 259 -15.84 11.59 1.72
C ASP A 259 -14.72 11.71 2.74
N SER A 260 -13.52 11.25 2.38
CA SER A 260 -12.41 11.25 3.33
C SER A 260 -11.80 12.65 3.52
N PHE A 261 -11.86 13.51 2.50
CA PHE A 261 -11.17 14.79 2.57
C PHE A 261 -12.08 16.01 2.47
N ILE A 262 -13.21 15.92 1.78
CA ILE A 262 -14.04 17.10 1.59
C ILE A 262 -15.13 17.16 2.65
N GLU A 263 -15.99 16.15 2.70
CA GLU A 263 -17.12 16.13 3.64
C GLU A 263 -17.91 14.82 3.55
N ASP A 264 -18.24 14.23 4.68
CA ASP A 264 -19.07 13.02 4.71
C ASP A 264 -20.08 13.06 5.84
#